data_8FY0
#
_entry.id   8FY0
#
_cell.length_a   47.620
_cell.length_b   118.877
_cell.length_c   170.109
_cell.angle_alpha   90.000
_cell.angle_beta   90.000
_cell.angle_gamma   90.000
#
_symmetry.space_group_name_H-M   'P 21 21 21'
#
loop_
_entity.id
_entity.type
_entity.pdbx_description
1 polymer 'von Hippel-Lindau disease tumor suppressor'
2 polymer Elongin-B
3 polymer Elongin-C
4 polymer 'Bcl-2-like protein 1'
5 non-polymer 'CACODYLIC ACID'
6 non-polymer GLYCEROL
7 non-polymer N-[8-(4-{[(1R,3R,4S)-4-(4-chlorophenyl)-1-methyl-3-{[4-(4-{[4-{[(2R)-4-(morpholin-4-yl)-1-(phenylsulfanyl)butan-2-yl]amino}-3-(trifluoromethanesulfonyl)benzene-1-sulfonyl]carbamoyl}phenyl)piperazin-1-yl]methyl}cyclohexyl]methyl}piperazin-1-yl)-8-oxooctanoyl]-3-methyl-L-valyl-(4R)-4-hydroxy-N-{(1S)-1-[4-(4-methyl-1,3-thiazol-5-yl)phenyl]ethyl}-L-prolinamide
#
loop_
_entity_poly.entity_id
_entity_poly.type
_entity_poly.pdbx_seq_one_letter_code
_entity_poly.pdbx_strand_id
1 'polypeptide(L)'
;MGSSHHHHHHSSGLVPRGSHMEAGRPRPVLRSVNSREPSQVIFCNRSPRVVLPVWLNFDGEPQPYPTLPPGTGRRIHSYR
GHLWLFRDAGTHDGLLVNQTELFVPSLNVDGQPIFANITLPVYTLKERCLQVVRSLVKPENYRRLDIVRSLYEDLEDHPN
VQKDLERLTQERIAHQRMGD
;
A
2 'polypeptide(L)'
;MDVFLMIRRHKTTIFTDAKESSTVFELKRIVEGILKRPPDEQRLYKDDQLLDDGKTLGECGFTSQTARPQAPATVGLAFR
ADDTFEAL(CSD)IEPFSSPPELPDVMKPQDSGSSANEQAVQ
;
B
3 'polypeptide(L)'
;AMYVKLISSDGHEFIVKREHALTSGTIKAMLSGPGQFAENETNEVNFREIPSHVLSKVCMYFTYKVRYTNSSTEIPEFPI
APEIALELLMAANFLDC
;
C
4 'polypeptide(L)'
;MGSSHHHHHHSSGLVPRGSHMSQSNRELVVDFLSYKLSQKGYSWSQFSDVEENRTEAPEGTESEMETPSAINGNPSWHLA
DSPAVNGATGHSSSLDAREVIPMAAVKQALREAGDEFELRYRRAFSDLTSQLHITPGTAYQSFEQVVNELFRDGVNWGRI
VAFFSFGGALCVESVDKEMQVLVSRIAAWMATYLNDHLEPWIQENGGWDTFVELYGNNAAAESRKGQERFNR
;
D
#
# COMPACT_ATOMS: atom_id res chain seq x y z
N PRO A 28 -5.53 17.68 -8.47
CA PRO A 28 -4.61 16.66 -7.96
C PRO A 28 -4.15 16.94 -6.53
N VAL A 29 -4.78 16.27 -5.56
CA VAL A 29 -4.54 16.60 -4.14
C VAL A 29 -3.34 15.84 -3.58
N LEU A 30 -3.25 14.53 -3.81
CA LEU A 30 -2.14 13.71 -3.32
C LEU A 30 -1.11 13.54 -4.42
N ARG A 31 -0.02 14.29 -4.31
CA ARG A 31 1.04 14.24 -5.31
C ARG A 31 2.36 14.57 -4.63
N SER A 32 3.45 14.07 -5.23
CA SER A 32 4.78 14.38 -4.73
C SER A 32 5.10 15.85 -4.97
N VAL A 33 5.80 16.44 -4.01
CA VAL A 33 6.29 17.81 -4.14
C VAL A 33 7.61 17.77 -4.91
N ASN A 34 7.71 18.58 -5.97
CA ASN A 34 8.92 18.59 -6.80
C ASN A 34 10.00 19.44 -6.12
N SER A 35 10.46 18.92 -4.98
CA SER A 35 11.43 19.64 -4.17
C SER A 35 12.84 19.56 -4.74
N ARG A 36 13.15 18.50 -5.49
CA ARG A 36 14.49 18.22 -6.01
C ARG A 36 15.53 18.15 -4.90
N GLU A 37 15.10 17.93 -3.66
CA GLU A 37 15.99 17.81 -2.52
C GLU A 37 16.21 16.33 -2.22
N PRO A 38 17.38 15.77 -2.48
CA PRO A 38 17.55 14.32 -2.35
C PRO A 38 17.34 13.86 -0.92
N SER A 39 16.99 12.58 -0.79
CA SER A 39 16.71 11.96 0.50
C SER A 39 16.93 10.47 0.37
N GLN A 40 17.95 9.96 1.05
CA GLN A 40 18.25 8.53 1.05
C GLN A 40 17.22 7.81 1.91
N VAL A 41 16.57 6.80 1.34
CA VAL A 41 15.55 6.03 2.04
C VAL A 41 15.88 4.54 1.90
N ILE A 42 15.65 3.78 2.96
CA ILE A 42 15.80 2.33 2.92
C ILE A 42 14.40 1.72 2.97
N PHE A 43 13.97 1.15 1.83
CA PHE A 43 12.75 0.37 1.78
C PHE A 43 12.99 -0.98 2.44
N CYS A 44 12.26 -1.25 3.52
CA CYS A 44 12.48 -2.44 4.33
C CYS A 44 11.20 -3.27 4.34
N ASN A 45 11.27 -4.47 3.76
CA ASN A 45 10.09 -5.33 3.63
C ASN A 45 10.05 -6.29 4.80
N ARG A 46 9.44 -5.86 5.90
CA ARG A 46 9.22 -6.71 7.07
C ARG A 46 7.86 -7.38 7.01
N SER A 47 7.54 -7.97 5.85
CA SER A 47 6.28 -8.65 5.64
C SER A 47 6.53 -9.88 4.78
N PRO A 48 5.60 -10.85 4.79
CA PRO A 48 5.76 -12.03 3.94
C PRO A 48 5.34 -11.84 2.49
N ARG A 49 4.94 -10.65 2.09
CA ARG A 49 4.44 -10.40 0.75
C ARG A 49 5.52 -9.82 -0.14
N VAL A 50 5.42 -10.10 -1.43
CA VAL A 50 6.24 -9.39 -2.41
C VAL A 50 5.69 -7.98 -2.54
N VAL A 51 6.45 -7.00 -2.09
CA VAL A 51 5.96 -5.63 -1.94
C VAL A 51 6.22 -4.85 -3.22
N LEU A 52 5.18 -4.18 -3.71
CA LEU A 52 5.32 -3.25 -4.81
C LEU A 52 5.33 -1.84 -4.26
N PRO A 53 6.46 -1.14 -4.25
CA PRO A 53 6.43 0.28 -3.90
C PRO A 53 5.75 1.10 -4.99
N VAL A 54 4.87 2.00 -4.58
CA VAL A 54 4.09 2.83 -5.50
C VAL A 54 4.42 4.29 -5.22
N TRP A 55 4.84 5.02 -6.24
CA TRP A 55 5.19 6.43 -6.12
C TRP A 55 4.12 7.27 -6.79
N LEU A 56 3.52 8.19 -6.04
CA LEU A 56 2.58 9.15 -6.61
C LEU A 56 3.38 10.27 -7.25
N ASN A 57 3.28 10.42 -8.57
CA ASN A 57 4.08 11.38 -9.30
C ASN A 57 3.59 12.80 -9.05
N PHE A 58 4.29 13.77 -9.65
CA PHE A 58 3.92 15.17 -9.51
C PHE A 58 2.54 15.46 -10.09
N ASP A 59 2.06 14.62 -11.01
CA ASP A 59 0.74 14.76 -11.58
C ASP A 59 -0.34 14.05 -10.76
N GLY A 60 0.04 13.32 -9.71
CA GLY A 60 -0.89 12.63 -8.85
C GLY A 60 -1.15 11.18 -9.19
N GLU A 61 -0.58 10.68 -10.28
CA GLU A 61 -0.79 9.31 -10.71
C GLU A 61 0.16 8.35 -10.00
N PRO A 62 -0.29 7.13 -9.71
CA PRO A 62 0.61 6.14 -9.13
C PRO A 62 1.51 5.52 -10.19
N GLN A 63 2.79 5.35 -9.85
CA GLN A 63 3.74 4.70 -10.73
C GLN A 63 4.39 3.52 -10.00
N PRO A 64 4.48 2.35 -10.64
CA PRO A 64 5.10 1.20 -9.99
C PRO A 64 6.62 1.25 -10.06
N TYR A 65 7.26 0.70 -9.03
CA TYR A 65 8.70 0.62 -8.90
C TYR A 65 9.10 -0.82 -8.67
N PRO A 66 10.39 -1.16 -8.83
CA PRO A 66 10.80 -2.56 -8.68
C PRO A 66 10.32 -3.18 -7.38
N THR A 67 9.94 -4.45 -7.45
CA THR A 67 9.34 -5.13 -6.31
C THR A 67 10.42 -5.63 -5.34
N LEU A 68 9.99 -5.84 -4.10
CA LEU A 68 10.87 -6.27 -3.03
C LEU A 68 10.41 -7.63 -2.53
N PRO A 69 11.22 -8.68 -2.70
CA PRO A 69 10.89 -9.98 -2.13
C PRO A 69 10.71 -9.89 -0.62
N PRO A 70 10.07 -10.88 0.00
CA PRO A 70 9.88 -10.82 1.45
C PRO A 70 11.22 -10.89 2.19
N GLY A 71 11.37 -10.01 3.18
CA GLY A 71 12.57 -9.97 3.99
C GLY A 71 13.69 -9.14 3.42
N THR A 72 13.63 -8.74 2.15
CA THR A 72 14.68 -7.99 1.50
C THR A 72 14.47 -6.48 1.67
N GLY A 73 15.52 -5.73 1.37
CA GLY A 73 15.49 -4.28 1.50
C GLY A 73 16.56 -3.62 0.66
N ARG A 74 16.21 -2.50 0.03
CA ARG A 74 17.13 -1.79 -0.85
C ARG A 74 17.22 -0.34 -0.40
N ARG A 75 18.41 0.24 -0.53
CA ARG A 75 18.60 1.66 -0.32
C ARG A 75 18.29 2.37 -1.63
N ILE A 76 17.30 3.26 -1.61
CA ILE A 76 16.81 3.92 -2.81
C ILE A 76 16.95 5.43 -2.65
N HIS A 77 17.04 6.11 -3.79
CA HIS A 77 17.14 7.57 -3.83
C HIS A 77 15.76 8.16 -4.07
N SER A 78 15.25 8.91 -3.11
CA SER A 78 14.01 9.66 -3.29
C SER A 78 14.23 11.13 -2.97
N TYR A 79 13.15 11.86 -2.72
CA TYR A 79 13.26 13.30 -2.49
C TYR A 79 12.31 13.69 -1.36
N ARG A 80 12.65 14.79 -0.70
CA ARG A 80 11.84 15.27 0.41
C ARG A 80 10.47 15.71 -0.09
N GLY A 81 9.42 15.25 0.58
CA GLY A 81 8.08 15.64 0.24
C GLY A 81 7.36 14.73 -0.74
N HIS A 82 8.05 13.70 -1.24
CA HIS A 82 7.41 12.74 -2.15
C HIS A 82 6.51 11.79 -1.37
N LEU A 83 5.59 11.15 -2.08
CA LEU A 83 4.60 10.26 -1.50
C LEU A 83 4.82 8.84 -1.98
N TRP A 84 4.69 7.88 -1.06
CA TRP A 84 4.86 6.47 -1.37
C TRP A 84 3.76 5.66 -0.72
N LEU A 85 3.24 4.70 -1.47
CA LEU A 85 2.35 3.65 -0.99
C LEU A 85 3.02 2.31 -1.21
N PHE A 86 2.57 1.30 -0.47
CA PHE A 86 3.16 -0.03 -0.59
C PHE A 86 2.07 -1.08 -0.66
N ARG A 87 2.13 -1.92 -1.68
CA ARG A 87 1.08 -2.88 -2.01
C ARG A 87 1.66 -4.27 -2.16
N ASP A 88 0.79 -5.26 -2.09
CA ASP A 88 1.15 -6.60 -2.50
C ASP A 88 1.27 -6.62 -4.01
N ALA A 89 2.46 -6.96 -4.51
CA ALA A 89 2.73 -6.84 -5.95
C ALA A 89 1.80 -7.71 -6.79
N GLY A 90 1.18 -8.74 -6.20
CA GLY A 90 0.30 -9.61 -6.96
C GLY A 90 -1.18 -9.35 -6.74
N THR A 91 -1.61 -9.38 -5.47
CA THR A 91 -3.00 -9.20 -5.12
C THR A 91 -3.38 -7.75 -4.88
N HIS A 92 -2.41 -6.84 -4.84
CA HIS A 92 -2.66 -5.42 -4.61
C HIS A 92 -3.29 -5.17 -3.24
N ASP A 93 -3.10 -6.10 -2.31
CA ASP A 93 -3.50 -5.86 -0.93
C ASP A 93 -2.72 -4.68 -0.37
N GLY A 94 -3.39 -3.89 0.46
CA GLY A 94 -2.73 -2.75 1.07
C GLY A 94 -1.80 -3.18 2.19
N LEU A 95 -0.63 -2.58 2.23
CA LEU A 95 0.34 -2.80 3.29
C LEU A 95 0.59 -1.48 4.02
N LEU A 96 1.26 -1.56 5.16
CA LEU A 96 1.58 -0.39 5.97
C LEU A 96 3.05 -0.04 5.84
N VAL A 97 3.36 1.25 5.93
CA VAL A 97 4.73 1.73 5.98
C VAL A 97 4.88 2.62 7.21
N ASN A 98 5.71 2.21 8.16
CA ASN A 98 5.90 2.92 9.41
C ASN A 98 4.56 3.10 10.14
N GLN A 99 3.79 2.00 10.17
CA GLN A 99 2.51 1.89 10.89
C GLN A 99 1.39 2.66 10.21
N THR A 100 1.68 3.43 9.16
CA THR A 100 0.68 4.22 8.47
C THR A 100 0.61 3.80 6.99
N GLU A 101 -0.19 4.53 6.21
CA GLU A 101 -0.45 4.15 4.82
C GLU A 101 0.50 4.81 3.83
N LEU A 102 0.90 6.06 4.08
CA LEU A 102 1.76 6.81 3.18
C LEU A 102 3.12 7.06 3.81
N PHE A 103 4.13 7.21 2.96
CA PHE A 103 5.49 7.51 3.41
C PHE A 103 5.99 8.78 2.73
N VAL A 104 6.43 9.74 3.54
CA VAL A 104 6.97 10.99 3.01
C VAL A 104 8.43 11.12 3.45
N PRO A 105 9.40 10.95 2.55
CA PRO A 105 10.80 11.06 2.95
C PRO A 105 11.14 12.45 3.46
N SER A 106 12.04 12.50 4.43
CA SER A 106 12.52 13.74 5.03
C SER A 106 14.03 13.86 4.80
N LEU A 107 14.55 15.04 5.09
CA LEU A 107 15.99 15.26 4.96
C LEU A 107 16.76 14.43 5.97
N ASN A 108 17.87 13.86 5.53
CA ASN A 108 18.65 12.92 6.35
C ASN A 108 19.49 13.66 7.37
N VAL A 109 19.37 13.25 8.63
CA VAL A 109 20.18 13.78 9.71
C VAL A 109 21.36 12.83 9.93
N ASP A 110 22.56 13.41 10.09
CA ASP A 110 23.78 12.66 10.38
C ASP A 110 24.10 11.65 9.28
N GLY A 111 23.68 11.93 8.05
CA GLY A 111 24.02 11.08 6.93
C GLY A 111 23.49 9.66 7.02
N GLN A 112 22.52 9.43 7.89
CA GLN A 112 21.96 8.09 7.94
C GLN A 112 20.57 8.07 7.32
N PRO A 113 20.24 7.02 6.57
CA PRO A 113 19.01 7.07 5.77
C PRO A 113 17.76 6.96 6.62
N ILE A 114 16.64 7.23 5.97
CA ILE A 114 15.32 7.05 6.58
C ILE A 114 14.85 5.63 6.28
N PHE A 115 14.36 4.94 7.30
CA PHE A 115 13.83 3.59 7.15
C PHE A 115 12.33 3.64 6.90
N ALA A 116 11.89 2.93 5.86
CA ALA A 116 10.48 2.76 5.57
C ALA A 116 10.17 1.28 5.78
N ASN A 117 9.63 0.96 6.96
CA ASN A 117 9.38 -0.43 7.35
C ASN A 117 8.00 -0.86 6.86
N ILE A 118 7.97 -1.77 5.89
CA ILE A 118 6.74 -2.27 5.29
C ILE A 118 6.33 -3.55 6.02
N THR A 119 5.11 -3.58 6.53
CA THR A 119 4.61 -4.70 7.33
C THR A 119 3.19 -5.02 6.93
N LEU A 120 2.74 -6.22 7.31
CA LEU A 120 1.34 -6.58 7.15
C LEU A 120 0.49 -5.83 8.16
N PRO A 121 -0.65 -5.29 7.74
CA PRO A 121 -1.63 -4.82 8.71
C PRO A 121 -2.41 -5.99 9.27
N VAL A 122 -2.98 -5.80 10.45
CA VAL A 122 -3.83 -6.84 11.03
C VAL A 122 -5.18 -6.76 10.33
N TYR A 123 -5.33 -7.50 9.24
CA TYR A 123 -6.57 -7.49 8.47
C TYR A 123 -7.73 -8.01 9.33
N THR A 124 -8.95 -7.62 8.95
CA THR A 124 -10.12 -8.29 9.49
C THR A 124 -10.17 -9.73 8.98
N LEU A 125 -10.72 -10.61 9.80
CA LEU A 125 -10.85 -12.00 9.39
C LEU A 125 -11.61 -12.12 8.07
N LYS A 126 -12.66 -11.32 7.91
CA LYS A 126 -13.42 -11.33 6.65
C LYS A 126 -12.52 -10.98 5.48
N GLU A 127 -11.76 -9.89 5.60
CA GLU A 127 -10.90 -9.48 4.48
C GLU A 127 -9.80 -10.51 4.22
N ARG A 128 -9.22 -11.07 5.28
CA ARG A 128 -8.22 -12.13 5.09
C ARG A 128 -8.84 -13.34 4.40
N CYS A 129 -10.07 -13.70 4.79
CA CYS A 129 -10.76 -14.79 4.11
C CYS A 129 -11.01 -14.45 2.65
N LEU A 130 -11.44 -13.23 2.37
CA LEU A 130 -11.64 -12.80 0.99
C LEU A 130 -10.33 -12.87 0.20
N GLN A 131 -9.21 -12.56 0.84
CA GLN A 131 -7.92 -12.66 0.17
C GLN A 131 -7.63 -14.09 -0.27
N VAL A 132 -7.76 -15.03 0.67
CA VAL A 132 -7.44 -16.43 0.39
C VAL A 132 -8.36 -17.02 -0.67
N VAL A 133 -9.65 -16.66 -0.63
CA VAL A 133 -10.58 -17.15 -1.64
C VAL A 133 -10.27 -16.53 -3.00
N ARG A 134 -9.88 -15.24 -3.02
CA ARG A 134 -9.55 -14.60 -4.29
C ARG A 134 -8.37 -15.27 -4.97
N SER A 135 -7.44 -15.83 -4.19
CA SER A 135 -6.22 -16.45 -4.71
C SER A 135 -6.44 -17.89 -5.14
N LEU A 136 -7.63 -18.44 -4.94
CA LEU A 136 -7.95 -19.82 -5.29
C LEU A 136 -9.03 -19.94 -6.34
N VAL A 137 -9.94 -18.98 -6.43
CA VAL A 137 -11.05 -19.02 -7.38
C VAL A 137 -10.81 -17.95 -8.43
N LYS A 138 -10.90 -18.35 -9.70
CA LYS A 138 -10.80 -17.37 -10.78
C LYS A 138 -12.03 -16.47 -10.76
N PRO A 139 -11.88 -15.17 -11.09
CA PRO A 139 -13.02 -14.26 -10.99
C PRO A 139 -14.25 -14.71 -11.77
N GLU A 140 -14.06 -15.51 -12.83
CA GLU A 140 -15.21 -16.05 -13.56
C GLU A 140 -16.03 -17.03 -12.72
N ASN A 141 -15.44 -17.58 -11.65
CA ASN A 141 -16.10 -18.60 -10.84
C ASN A 141 -16.50 -18.10 -9.46
N TYR A 142 -16.43 -16.80 -9.20
CA TYR A 142 -16.87 -16.30 -7.90
C TYR A 142 -18.34 -16.66 -7.64
N ARG A 143 -19.16 -16.63 -8.70
CA ARG A 143 -20.58 -16.89 -8.55
C ARG A 143 -20.91 -18.39 -8.46
N ARG A 144 -19.95 -19.26 -8.75
CA ARG A 144 -20.16 -20.69 -8.57
C ARG A 144 -19.86 -21.15 -7.14
N LEU A 145 -19.52 -20.23 -6.25
CA LEU A 145 -19.35 -20.53 -4.84
C LEU A 145 -20.69 -20.41 -4.12
N ASP A 146 -20.88 -21.23 -3.08
CA ASP A 146 -22.15 -21.28 -2.36
C ASP A 146 -22.08 -20.36 -1.14
N ILE A 147 -22.32 -19.07 -1.39
CA ILE A 147 -22.29 -18.04 -0.35
C ILE A 147 -23.36 -17.01 -0.66
N VAL A 148 -23.61 -16.13 0.32
CA VAL A 148 -24.58 -15.05 0.15
C VAL A 148 -24.14 -14.15 -1.01
N ARG A 149 -25.12 -13.55 -1.69
CA ARG A 149 -24.83 -12.70 -2.83
C ARG A 149 -23.98 -11.49 -2.44
N SER A 150 -24.09 -11.04 -1.19
CA SER A 150 -23.23 -9.95 -0.75
C SER A 150 -21.77 -10.37 -0.71
N LEU A 151 -21.48 -11.66 -0.59
CA LEU A 151 -20.10 -12.14 -0.63
C LEU A 151 -19.56 -12.27 -2.05
N TYR A 152 -20.44 -12.35 -3.05
CA TYR A 152 -20.00 -12.20 -4.43
C TYR A 152 -19.49 -10.79 -4.69
N GLU A 153 -20.27 -9.79 -4.27
CA GLU A 153 -19.86 -8.40 -4.44
C GLU A 153 -18.63 -8.07 -3.61
N ASP A 154 -18.48 -8.73 -2.45
CA ASP A 154 -17.29 -8.51 -1.62
C ASP A 154 -16.06 -9.17 -2.24
N LEU A 155 -16.22 -10.37 -2.79
CA LEU A 155 -15.11 -11.03 -3.47
C LEU A 155 -14.70 -10.25 -4.72
N GLU A 156 -15.64 -9.55 -5.36
CA GLU A 156 -15.35 -8.87 -6.61
C GLU A 156 -14.75 -7.49 -6.41
N ASP A 157 -14.91 -6.89 -5.23
CA ASP A 157 -14.34 -5.57 -4.94
C ASP A 157 -12.87 -5.78 -4.53
N HIS A 158 -12.04 -5.99 -5.54
CA HIS A 158 -10.61 -6.20 -5.29
C HIS A 158 -9.99 -4.93 -4.72
N PRO A 159 -9.00 -5.07 -3.83
CA PRO A 159 -8.25 -3.90 -3.38
C PRO A 159 -7.39 -3.36 -4.53
N ASN A 160 -7.43 -2.04 -4.72
CA ASN A 160 -6.61 -1.40 -5.72
C ASN A 160 -6.03 -0.13 -5.14
N VAL A 161 -5.14 0.49 -5.90
CA VAL A 161 -4.52 1.73 -5.43
C VAL A 161 -5.47 2.90 -5.63
N GLN A 162 -6.29 2.88 -6.68
CA GLN A 162 -7.11 4.03 -7.01
C GLN A 162 -8.17 4.30 -5.95
N LYS A 163 -8.90 3.27 -5.55
CA LYS A 163 -9.93 3.43 -4.52
C LYS A 163 -9.32 3.89 -3.19
N ASP A 164 -8.14 3.34 -2.85
CA ASP A 164 -7.49 3.78 -1.62
C ASP A 164 -7.11 5.26 -1.68
N LEU A 165 -6.70 5.74 -2.86
CA LEU A 165 -6.34 7.14 -3.00
C LEU A 165 -7.53 8.06 -2.80
N GLU A 166 -8.70 7.67 -3.35
CA GLU A 166 -9.89 8.49 -3.21
C GLU A 166 -10.35 8.58 -1.76
N ARG A 167 -10.09 7.54 -0.96
CA ARG A 167 -10.37 7.63 0.47
C ARG A 167 -9.39 8.55 1.17
N LEU A 168 -8.10 8.43 0.85
CA LEU A 168 -7.09 9.27 1.50
C LEU A 168 -7.23 10.74 1.12
N THR A 169 -7.65 11.03 -0.12
CA THR A 169 -7.88 12.43 -0.50
C THR A 169 -9.06 13.01 0.25
N GLN A 170 -10.17 12.26 0.32
CA GLN A 170 -11.35 12.77 1.01
C GLN A 170 -11.19 12.83 2.53
N GLU A 171 -10.08 12.34 3.08
CA GLU A 171 -9.78 12.45 4.50
C GLU A 171 -8.93 13.67 4.82
N ARG A 172 -8.85 14.64 3.91
CA ARG A 172 -8.14 15.90 4.13
C ARG A 172 -8.94 16.90 4.94
N ILE A 173 -10.21 16.60 5.26
CA ILE A 173 -11.14 17.62 5.73
C ILE A 173 -10.63 18.28 7.01
N ALA A 174 -10.24 17.48 7.99
CA ALA A 174 -9.71 18.01 9.25
C ALA A 174 -8.79 17.01 9.93
N MET B 1 9.04 -14.15 27.32
CA MET B 1 8.48 -14.38 26.00
C MET B 1 7.20 -15.20 26.11
N ASP B 2 6.15 -14.76 25.41
CA ASP B 2 4.85 -15.38 25.55
C ASP B 2 4.69 -16.54 24.58
N VAL B 3 3.96 -17.57 25.02
CA VAL B 3 3.57 -18.68 24.17
C VAL B 3 2.06 -18.84 24.28
N PHE B 4 1.44 -19.24 23.18
CA PHE B 4 0.00 -19.28 23.05
C PHE B 4 -0.46 -20.71 22.84
N LEU B 5 -1.42 -21.15 23.64
CA LEU B 5 -1.67 -22.57 23.80
C LEU B 5 -3.14 -22.89 23.57
N MET B 6 -3.42 -24.17 23.40
CA MET B 6 -4.77 -24.74 23.43
C MET B 6 -4.75 -25.89 24.42
N ILE B 7 -5.30 -25.67 25.61
CA ILE B 7 -5.44 -26.73 26.61
C ILE B 7 -6.73 -27.48 26.29
N ARG B 8 -6.60 -28.76 25.96
CA ARG B 8 -7.71 -29.52 25.38
C ARG B 8 -7.97 -30.79 26.18
N ARG B 9 -9.24 -31.01 26.54
CA ARG B 9 -9.69 -32.23 27.17
C ARG B 9 -11.12 -32.51 26.70
N HIS B 10 -11.36 -33.71 26.17
CA HIS B 10 -12.69 -34.14 25.72
C HIS B 10 -13.20 -33.14 24.69
N LYS B 11 -14.31 -32.46 24.91
CA LYS B 11 -14.82 -31.41 24.03
C LYS B 11 -14.58 -30.02 24.60
N THR B 12 -13.52 -29.83 25.39
CA THR B 12 -13.19 -28.54 25.98
C THR B 12 -11.84 -28.07 25.47
N THR B 13 -11.79 -26.81 25.02
CA THR B 13 -10.56 -26.17 24.55
C THR B 13 -10.41 -24.82 25.23
N ILE B 14 -9.28 -24.62 25.90
CA ILE B 14 -8.97 -23.38 26.60
C ILE B 14 -7.88 -22.65 25.82
N PHE B 15 -8.16 -21.40 25.45
CA PHE B 15 -7.20 -20.55 24.76
C PHE B 15 -6.56 -19.65 25.80
N THR B 16 -5.27 -19.85 26.05
CA THR B 16 -4.57 -19.08 27.07
C THR B 16 -3.14 -18.84 26.61
N ASP B 17 -2.47 -17.91 27.28
CA ASP B 17 -1.06 -17.64 27.03
C ASP B 17 -0.30 -17.75 28.34
N ALA B 18 1.02 -17.83 28.22
CA ALA B 18 1.88 -17.87 29.39
C ALA B 18 3.30 -17.54 28.94
N LYS B 19 4.13 -17.17 29.91
CA LYS B 19 5.53 -16.93 29.61
C LYS B 19 6.23 -18.24 29.27
N GLU B 20 7.24 -18.16 28.41
CA GLU B 20 8.03 -19.33 28.10
C GLU B 20 8.79 -19.83 29.33
N SER B 21 9.14 -18.92 30.24
CA SER B 21 9.80 -19.27 31.50
C SER B 21 8.82 -19.76 32.55
N SER B 22 7.51 -19.64 32.30
CA SER B 22 6.48 -20.17 33.18
C SER B 22 6.55 -21.69 33.23
N THR B 23 6.22 -22.26 34.40
CA THR B 23 6.32 -23.69 34.63
C THR B 23 5.00 -24.40 34.32
N VAL B 24 5.09 -25.73 34.20
CA VAL B 24 3.89 -26.53 33.96
C VAL B 24 2.93 -26.41 35.12
N PHE B 25 3.46 -26.37 36.36
CA PHE B 25 2.58 -26.21 37.51
C PHE B 25 1.82 -24.90 37.44
N GLU B 26 2.49 -23.81 37.05
CA GLU B 26 1.83 -22.53 36.94
C GLU B 26 0.72 -22.58 35.88
N LEU B 27 0.96 -23.30 34.77
CA LEU B 27 -0.10 -23.49 33.78
C LEU B 27 -1.26 -24.32 34.35
N LYS B 28 -0.97 -25.25 35.25
CA LYS B 28 -2.05 -25.96 35.92
C LYS B 28 -2.89 -25.03 36.78
N ARG B 29 -2.26 -24.01 37.37
CA ARG B 29 -3.01 -23.02 38.13
C ARG B 29 -3.97 -22.25 37.24
N ILE B 30 -3.54 -21.93 36.01
CA ILE B 30 -4.44 -21.28 35.06
C ILE B 30 -5.63 -22.18 34.77
N VAL B 31 -5.38 -23.47 34.55
CA VAL B 31 -6.47 -24.41 34.33
C VAL B 31 -7.37 -24.49 35.55
N GLU B 32 -6.78 -24.45 36.75
CA GLU B 32 -7.56 -24.57 37.98
C GLU B 32 -8.52 -23.39 38.13
N GLY B 33 -8.09 -22.19 37.76
CA GLY B 33 -8.96 -21.04 37.86
C GLY B 33 -10.15 -21.11 36.92
N ILE B 34 -9.99 -21.78 35.79
CA ILE B 34 -11.04 -21.84 34.77
C ILE B 34 -11.94 -23.05 34.99
N LEU B 35 -11.37 -24.24 35.10
CA LEU B 35 -12.13 -25.48 35.20
C LEU B 35 -12.37 -25.91 36.64
N LYS B 36 -11.83 -25.18 37.62
CA LYS B 36 -12.15 -25.39 39.03
C LYS B 36 -11.72 -26.78 39.52
N ARG B 37 -10.51 -27.19 39.15
CA ARG B 37 -9.91 -28.42 39.68
C ARG B 37 -8.41 -28.20 39.91
N PRO B 38 -7.90 -28.60 41.07
CA PRO B 38 -6.53 -28.19 41.47
C PRO B 38 -5.47 -28.93 40.66
N PRO B 39 -4.22 -28.45 40.69
CA PRO B 39 -3.18 -29.09 39.88
C PRO B 39 -2.90 -30.54 40.24
N ASP B 40 -3.04 -30.92 41.50
CA ASP B 40 -2.77 -32.31 41.88
C ASP B 40 -3.74 -33.28 41.25
N GLU B 41 -4.86 -32.80 40.71
CA GLU B 41 -5.82 -33.64 40.00
C GLU B 41 -5.73 -33.44 38.49
N GLN B 42 -4.60 -32.92 38.00
CA GLN B 42 -4.41 -32.67 36.58
C GLN B 42 -3.16 -33.38 36.09
N ARG B 43 -3.20 -33.77 34.82
CA ARG B 43 -2.03 -34.23 34.09
C ARG B 43 -1.99 -33.50 32.75
N LEU B 44 -0.94 -32.72 32.53
CA LEU B 44 -0.78 -32.03 31.27
C LEU B 44 0.14 -32.84 30.35
N TYR B 45 -0.21 -32.89 29.07
CA TYR B 45 0.52 -33.68 28.10
C TYR B 45 0.91 -32.78 26.93
N LYS B 46 2.10 -33.00 26.39
CA LYS B 46 2.47 -32.51 25.07
C LYS B 46 2.48 -33.73 24.15
N ASP B 47 1.55 -33.77 23.21
CA ASP B 47 1.26 -34.98 22.44
C ASP B 47 0.88 -36.11 23.40
N ASP B 48 1.77 -37.07 23.58
CA ASP B 48 1.55 -38.18 24.51
C ASP B 48 2.68 -38.28 25.54
N GLN B 49 3.27 -37.14 25.88
CA GLN B 49 4.35 -37.07 26.85
C GLN B 49 3.87 -36.35 28.10
N LEU B 50 4.00 -37.00 29.24
CA LEU B 50 3.61 -36.37 30.50
C LEU B 50 4.61 -35.29 30.88
N LEU B 51 4.10 -34.13 31.31
CA LEU B 51 4.93 -32.98 31.62
C LEU B 51 5.08 -32.85 33.14
N ASP B 52 6.33 -32.74 33.60
CA ASP B 52 6.59 -32.54 35.01
C ASP B 52 6.18 -31.14 35.45
N ASP B 53 5.63 -31.04 36.66
CA ASP B 53 5.24 -29.72 37.16
C ASP B 53 6.41 -28.76 37.26
N GLY B 54 7.63 -29.27 37.34
CA GLY B 54 8.80 -28.45 37.58
C GLY B 54 9.42 -27.86 36.34
N LYS B 55 9.16 -28.46 35.18
CA LYS B 55 9.75 -27.96 33.95
C LYS B 55 9.01 -26.72 33.46
N THR B 56 9.75 -25.83 32.80
CA THR B 56 9.16 -24.67 32.17
C THR B 56 8.50 -25.06 30.85
N LEU B 57 7.63 -24.18 30.35
CA LEU B 57 6.92 -24.46 29.10
C LEU B 57 7.89 -24.52 27.92
N GLY B 58 9.00 -23.79 28.00
CA GLY B 58 10.01 -23.88 26.95
C GLY B 58 10.77 -25.20 26.99
N GLU B 59 11.12 -25.66 28.19
CA GLU B 59 11.83 -26.93 28.32
C GLU B 59 10.97 -28.11 27.89
N CYS B 60 9.66 -27.93 27.82
CA CYS B 60 8.76 -28.95 27.28
C CYS B 60 8.67 -28.90 25.76
N GLY B 61 9.01 -27.76 25.15
CA GLY B 61 8.97 -27.61 23.70
C GLY B 61 8.06 -26.51 23.22
N PHE B 62 7.45 -25.73 24.10
CA PHE B 62 6.54 -24.65 23.71
C PHE B 62 7.33 -23.36 23.64
N THR B 63 7.82 -23.04 22.46
CA THR B 63 8.59 -21.84 22.21
C THR B 63 7.75 -20.87 21.38
N SER B 64 8.31 -19.69 21.12
N SER B 64 8.32 -19.70 21.11
CA SER B 64 7.61 -18.71 20.29
CA SER B 64 7.64 -18.70 20.30
C SER B 64 7.48 -19.16 18.84
C SER B 64 7.48 -19.16 18.85
N GLN B 65 8.28 -20.13 18.40
CA GLN B 65 8.21 -20.62 17.05
C GLN B 65 7.27 -21.82 16.90
N THR B 66 6.76 -22.35 18.02
CA THR B 66 5.82 -23.46 17.99
C THR B 66 4.50 -23.17 18.67
N ALA B 67 4.40 -22.12 19.49
CA ALA B 67 3.19 -21.74 20.21
C ALA B 67 2.90 -20.27 19.90
N ARG B 68 2.33 -20.04 18.72
CA ARG B 68 2.09 -18.71 18.17
C ARG B 68 0.63 -18.33 18.31
N PRO B 69 0.30 -17.02 18.29
CA PRO B 69 -1.12 -16.65 18.46
C PRO B 69 -2.02 -17.18 17.36
N GLN B 70 -1.58 -17.13 16.11
CA GLN B 70 -2.35 -17.63 14.97
C GLN B 70 -2.19 -19.13 14.76
N ALA B 71 -1.34 -19.80 15.53
CA ALA B 71 -1.14 -21.23 15.43
C ALA B 71 -0.67 -21.75 16.79
N PRO B 72 -1.58 -21.89 17.75
CA PRO B 72 -1.17 -22.26 19.10
C PRO B 72 -0.81 -23.73 19.22
N ALA B 73 0.11 -24.01 20.14
CA ALA B 73 0.46 -25.37 20.49
C ALA B 73 -0.62 -26.00 21.37
N THR B 74 -0.80 -27.31 21.24
CA THR B 74 -1.86 -28.03 21.93
C THR B 74 -1.30 -28.77 23.15
N VAL B 75 -1.94 -28.55 24.31
CA VAL B 75 -1.59 -29.19 25.56
C VAL B 75 -2.76 -30.05 25.98
N GLY B 76 -2.51 -31.35 26.19
CA GLY B 76 -3.55 -32.24 26.64
C GLY B 76 -3.79 -32.13 28.13
N LEU B 77 -5.01 -32.48 28.54
CA LEU B 77 -5.41 -32.39 29.94
C LEU B 77 -6.21 -33.62 30.33
N ALA B 78 -5.87 -34.21 31.46
CA ALA B 78 -6.59 -35.34 32.03
C ALA B 78 -6.82 -35.09 33.52
N PHE B 79 -8.02 -35.40 33.99
CA PHE B 79 -8.40 -35.18 35.38
C PHE B 79 -8.32 -36.47 36.18
N ARG B 80 -8.07 -36.32 37.48
CA ARG B 80 -8.10 -37.46 38.38
C ARG B 80 -9.55 -37.90 38.61
N ALA B 81 -9.76 -39.20 38.76
CA ALA B 81 -11.10 -39.77 38.89
C ALA B 81 -11.03 -40.92 39.89
N ASP B 82 -11.53 -40.68 41.10
CA ASP B 82 -11.56 -41.68 42.17
C ASP B 82 -10.12 -42.03 42.53
N ASP B 83 -9.79 -43.30 42.70
CA ASP B 83 -8.45 -43.69 43.11
C ASP B 83 -7.45 -43.64 41.96
N THR B 84 -7.92 -43.50 40.73
CA THR B 84 -7.04 -43.54 39.57
C THR B 84 -7.18 -42.26 38.76
N PHE B 85 -6.66 -42.29 37.54
CA PHE B 85 -6.74 -41.19 36.60
C PHE B 85 -7.50 -41.63 35.36
N GLU B 86 -8.15 -40.68 34.71
CA GLU B 86 -8.71 -40.98 33.40
C GLU B 86 -7.61 -40.91 32.34
N ALA B 87 -7.85 -41.56 31.22
CA ALA B 87 -6.87 -41.50 30.14
C ALA B 87 -7.01 -40.19 29.36
N LEU B 88 -5.94 -39.83 28.67
CA LEU B 88 -5.97 -38.66 27.80
C LEU B 88 -6.92 -38.92 26.64
N ILE B 90 -8.79 -36.49 23.63
CA ILE B 90 -9.08 -35.22 22.98
C ILE B 90 -9.95 -35.50 21.77
N GLU B 91 -11.24 -35.17 21.87
CA GLU B 91 -12.13 -35.42 20.75
C GLU B 91 -11.83 -34.44 19.63
N PRO B 92 -11.65 -34.91 18.39
CA PRO B 92 -11.18 -34.03 17.32
C PRO B 92 -12.26 -33.05 16.88
N PHE B 93 -11.82 -32.03 16.17
CA PHE B 93 -12.75 -31.08 15.59
C PHE B 93 -13.48 -31.71 14.42
N SER B 94 -14.45 -30.97 13.87
CA SER B 94 -15.15 -31.46 12.70
C SER B 94 -14.22 -31.48 11.49
N SER B 95 -14.68 -32.12 10.42
CA SER B 95 -13.83 -32.11 9.23
C SER B 95 -14.41 -31.14 8.19
N PRO B 96 -13.56 -30.39 7.50
CA PRO B 96 -14.06 -29.51 6.45
C PRO B 96 -14.63 -30.31 5.31
N PRO B 97 -15.61 -29.77 4.57
CA PRO B 97 -16.14 -30.47 3.42
C PRO B 97 -15.11 -30.54 2.31
N GLU B 98 -15.35 -31.45 1.37
CA GLU B 98 -14.42 -31.64 0.26
C GLU B 98 -14.25 -30.33 -0.49
N LEU B 99 -13.01 -30.03 -0.85
CA LEU B 99 -12.67 -28.78 -1.51
C LEU B 99 -13.45 -28.63 -2.81
N PRO B 100 -14.25 -27.59 -2.99
CA PRO B 100 -15.02 -27.43 -4.23
C PRO B 100 -14.13 -27.27 -5.44
N ASP B 101 -14.70 -27.60 -6.61
CA ASP B 101 -13.92 -27.68 -7.84
C ASP B 101 -13.32 -26.34 -8.23
N VAL B 102 -14.11 -25.26 -8.11
CA VAL B 102 -13.62 -23.95 -8.49
C VAL B 102 -12.45 -23.48 -7.64
N MET B 103 -12.15 -24.15 -6.53
CA MET B 103 -11.02 -23.81 -5.68
C MET B 103 -9.80 -24.68 -5.94
N LYS B 104 -9.92 -25.73 -6.77
CA LYS B 104 -8.84 -26.64 -7.08
C LYS B 104 -7.97 -26.09 -8.20
N PRO B 105 -6.67 -26.40 -8.20
CA PRO B 105 -5.74 -25.98 -9.26
C PRO B 105 -6.13 -26.52 -10.64
N ALA C 1 -8.12 -12.66 32.23
CA ALA C 1 -9.18 -11.95 32.94
C ALA C 1 -10.42 -12.82 33.10
N MET C 2 -11.58 -12.29 32.75
CA MET C 2 -12.78 -13.12 32.65
C MET C 2 -12.74 -13.94 31.37
N TYR C 3 -13.38 -15.09 31.42
CA TYR C 3 -13.46 -15.98 30.26
C TYR C 3 -14.92 -16.11 29.82
N VAL C 4 -15.11 -16.49 28.57
CA VAL C 4 -16.42 -16.81 28.04
C VAL C 4 -16.30 -18.12 27.29
N LYS C 5 -17.42 -18.84 27.20
CA LYS C 5 -17.46 -20.15 26.54
C LYS C 5 -18.19 -20.01 25.22
N LEU C 6 -17.48 -20.25 24.11
CA LEU C 6 -18.09 -20.28 22.78
C LEU C 6 -18.29 -21.74 22.38
N ILE C 7 -19.54 -22.13 22.18
CA ILE C 7 -19.90 -23.50 21.89
C ILE C 7 -20.18 -23.65 20.40
N SER C 8 -19.46 -24.55 19.76
CA SER C 8 -19.63 -24.80 18.33
C SER C 8 -20.89 -25.63 18.09
N SER C 9 -21.22 -25.83 16.82
CA SER C 9 -22.47 -26.51 16.47
C SER C 9 -22.41 -28.00 16.77
N ASP C 10 -21.21 -28.58 16.75
CA ASP C 10 -21.03 -29.98 17.08
C ASP C 10 -20.68 -30.21 18.54
N GLY C 11 -20.87 -29.21 19.40
CA GLY C 11 -20.75 -29.39 20.82
C GLY C 11 -19.41 -29.09 21.45
N HIS C 12 -18.45 -28.57 20.70
CA HIS C 12 -17.14 -28.25 21.24
C HIS C 12 -17.19 -26.94 22.02
N GLU C 13 -16.64 -26.94 23.23
CA GLU C 13 -16.60 -25.76 24.08
C GLU C 13 -15.24 -25.09 23.99
N PHE C 14 -15.25 -23.82 23.58
CA PHE C 14 -14.05 -23.01 23.46
C PHE C 14 -14.05 -21.93 24.53
N ILE C 15 -13.07 -21.98 25.43
CA ILE C 15 -12.97 -21.05 26.55
C ILE C 15 -11.89 -20.02 26.23
N VAL C 16 -12.33 -18.80 25.89
CA VAL C 16 -11.43 -17.72 25.51
C VAL C 16 -11.60 -16.56 26.49
N LYS C 17 -10.62 -15.67 26.50
CA LYS C 17 -10.73 -14.46 27.33
C LYS C 17 -11.85 -13.58 26.77
N ARG C 18 -12.62 -12.98 27.68
CA ARG C 18 -13.78 -12.20 27.25
C ARG C 18 -13.37 -11.03 26.37
N GLU C 19 -12.26 -10.38 26.71
CA GLU C 19 -11.77 -9.29 25.87
C GLU C 19 -11.50 -9.75 24.44
N HIS C 20 -11.00 -10.99 24.30
CA HIS C 20 -10.69 -11.49 22.97
C HIS C 20 -11.95 -11.84 22.19
N ALA C 21 -12.95 -12.40 22.87
CA ALA C 21 -14.20 -12.73 22.19
C ALA C 21 -14.95 -11.47 21.76
N LEU C 22 -14.83 -10.39 22.52
CA LEU C 22 -15.49 -9.13 22.19
C LEU C 22 -14.93 -8.48 20.94
N THR C 23 -13.93 -9.09 20.30
CA THR C 23 -13.49 -8.64 18.98
C THR C 23 -14.64 -8.65 17.98
N SER C 24 -15.50 -9.67 18.06
CA SER C 24 -16.67 -9.75 17.22
C SER C 24 -17.81 -8.92 17.82
N GLY C 25 -18.38 -8.03 17.01
CA GLY C 25 -19.53 -7.26 17.46
C GLY C 25 -20.76 -8.12 17.69
N THR C 26 -20.90 -9.21 16.95
CA THR C 26 -22.01 -10.13 17.16
C THR C 26 -21.90 -10.81 18.53
N ILE C 27 -20.70 -11.27 18.89
CA ILE C 27 -20.52 -11.90 20.20
C ILE C 27 -20.77 -10.89 21.31
N LYS C 28 -20.33 -9.65 21.10
CA LYS C 28 -20.56 -8.62 22.12
C LYS C 28 -22.04 -8.32 22.28
N ALA C 29 -22.83 -8.48 21.20
CA ALA C 29 -24.26 -8.29 21.27
C ALA C 29 -24.97 -9.50 21.86
N MET C 30 -24.50 -10.71 21.54
CA MET C 30 -25.09 -11.91 22.12
C MET C 30 -24.83 -11.98 23.62
N LEU C 31 -23.67 -11.50 24.07
CA LEU C 31 -23.37 -11.50 25.49
C LEU C 31 -24.17 -10.43 26.23
N SER C 32 -24.34 -9.26 25.62
CA SER C 32 -25.05 -8.14 26.21
C SER C 32 -26.57 -8.25 26.06
N GLY C 33 -27.08 -9.39 25.60
CA GLY C 33 -28.51 -9.56 25.40
C GLY C 33 -29.00 -10.97 25.71
N THR C 42 -25.32 -16.69 30.08
CA THR C 42 -24.91 -15.32 30.37
C THR C 42 -23.47 -15.08 29.92
N ASN C 43 -22.57 -15.98 30.33
CA ASN C 43 -21.18 -15.98 29.89
C ASN C 43 -20.92 -17.04 28.83
N GLU C 44 -21.96 -17.58 28.21
CA GLU C 44 -21.84 -18.58 27.15
C GLU C 44 -22.57 -18.10 25.91
N VAL C 45 -22.07 -18.53 24.75
CA VAL C 45 -22.68 -18.23 23.47
C VAL C 45 -22.69 -19.52 22.65
N ASN C 46 -23.86 -19.91 22.15
CA ASN C 46 -24.01 -21.13 21.37
C ASN C 46 -24.13 -20.78 19.89
N PHE C 47 -23.27 -21.37 19.06
CA PHE C 47 -23.25 -21.11 17.62
C PHE C 47 -23.85 -22.32 16.91
N ARG C 48 -25.14 -22.22 16.58
CA ARG C 48 -25.88 -23.35 16.04
C ARG C 48 -25.35 -23.82 14.68
N GLU C 49 -24.63 -22.99 13.94
CA GLU C 49 -24.21 -23.38 12.59
C GLU C 49 -22.77 -22.95 12.32
N ILE C 50 -21.91 -23.02 13.33
CA ILE C 50 -20.47 -22.84 13.15
C ILE C 50 -19.76 -24.08 13.67
N PRO C 51 -19.24 -24.95 12.80
CA PRO C 51 -18.60 -26.18 13.26
C PRO C 51 -17.32 -25.90 14.04
N SER C 52 -16.86 -26.93 14.76
CA SER C 52 -15.70 -26.76 15.63
C SER C 52 -14.43 -26.43 14.86
N HIS C 53 -14.26 -27.02 13.67
CA HIS C 53 -13.06 -26.74 12.90
C HIS C 53 -13.03 -25.31 12.38
N VAL C 54 -14.17 -24.63 12.36
CA VAL C 54 -14.21 -23.22 11.98
C VAL C 54 -14.13 -22.32 13.20
N LEU C 55 -14.90 -22.63 14.23
CA LEU C 55 -14.89 -21.80 15.44
C LEU C 55 -13.51 -21.82 16.11
N SER C 56 -12.80 -22.94 16.03
CA SER C 56 -11.43 -22.96 16.56
C SER C 56 -10.55 -21.94 15.84
N LYS C 57 -10.68 -21.87 14.50
CA LYS C 57 -9.89 -20.90 13.74
C LYS C 57 -10.32 -19.47 14.07
N VAL C 58 -11.60 -19.25 14.36
CA VAL C 58 -12.05 -17.92 14.74
C VAL C 58 -11.44 -17.51 16.08
N CYS C 59 -11.41 -18.42 17.05
CA CYS C 59 -10.77 -18.14 18.33
C CYS C 59 -9.29 -17.83 18.14
N MET C 60 -8.63 -18.54 17.24
CA MET C 60 -7.23 -18.23 16.95
C MET C 60 -7.08 -16.82 16.38
N TYR C 61 -8.08 -16.36 15.61
CA TYR C 61 -8.00 -15.00 15.10
C TYR C 61 -8.16 -13.98 16.21
N PHE C 62 -8.96 -14.29 17.23
CA PHE C 62 -9.10 -13.37 18.36
C PHE C 62 -7.77 -13.18 19.08
N THR C 63 -7.10 -14.28 19.42
CA THR C 63 -5.81 -14.15 20.10
C THR C 63 -4.75 -13.56 19.19
N TYR C 64 -4.94 -13.66 17.87
CA TYR C 64 -4.00 -13.08 16.92
C TYR C 64 -4.18 -11.57 16.78
N LYS C 65 -5.43 -11.11 16.76
CA LYS C 65 -5.68 -9.67 16.60
C LYS C 65 -5.27 -8.91 17.86
N VAL C 66 -5.62 -9.42 19.03
CA VAL C 66 -5.33 -8.72 20.28
C VAL C 66 -3.83 -8.62 20.51
N ARG C 67 -3.06 -9.60 20.03
CA ARG C 67 -1.61 -9.59 20.23
C ARG C 67 -0.92 -8.59 19.31
N TYR C 68 -1.39 -8.49 18.06
CA TYR C 68 -0.67 -7.75 17.04
C TYR C 68 -1.29 -6.41 16.69
N THR C 69 -2.49 -6.09 17.17
CA THR C 69 -3.08 -4.79 16.91
C THR C 69 -2.35 -3.74 17.74
N ASN C 70 -1.97 -2.63 17.10
CA ASN C 70 -1.29 -1.52 17.75
C ASN C 70 0.12 -1.89 18.18
N SER C 71 0.53 -3.12 17.91
CA SER C 71 1.89 -3.55 18.17
C SER C 71 2.79 -3.23 16.99
N SER C 72 3.99 -2.75 17.28
CA SER C 72 4.95 -2.38 16.25
C SER C 72 5.85 -3.54 15.82
N THR C 73 5.63 -4.73 16.37
CA THR C 73 6.36 -5.91 15.94
C THR C 73 6.05 -6.25 14.49
N GLU C 74 6.92 -7.04 13.88
CA GLU C 74 6.65 -7.58 12.56
C GLU C 74 5.45 -8.53 12.64
N ILE C 75 4.37 -8.18 11.96
CA ILE C 75 3.15 -8.98 12.01
C ILE C 75 3.29 -10.15 11.04
N PRO C 76 3.04 -11.37 11.47
CA PRO C 76 3.04 -12.52 10.56
C PRO C 76 1.67 -12.68 9.90
N GLU C 77 1.64 -13.54 8.89
CA GLU C 77 0.40 -13.82 8.17
C GLU C 77 -0.53 -14.67 9.02
N PHE C 78 -1.84 -14.40 8.92
CA PHE C 78 -2.83 -15.29 9.51
C PHE C 78 -3.18 -16.37 8.49
N PRO C 79 -2.80 -17.62 8.71
CA PRO C 79 -2.97 -18.65 7.67
C PRO C 79 -4.38 -19.23 7.64
N ILE C 80 -4.86 -19.49 6.42
CA ILE C 80 -6.17 -20.09 6.19
C ILE C 80 -6.01 -21.15 5.10
N ALA C 81 -6.19 -22.42 5.48
CA ALA C 81 -6.10 -23.49 4.49
C ALA C 81 -7.28 -23.41 3.52
N PRO C 82 -7.12 -23.92 2.30
CA PRO C 82 -8.23 -23.84 1.32
C PRO C 82 -9.47 -24.60 1.73
N GLU C 83 -9.31 -25.72 2.45
CA GLU C 83 -10.45 -26.52 2.88
C GLU C 83 -11.33 -25.80 3.90
N ILE C 84 -10.81 -24.77 4.55
CA ILE C 84 -11.55 -24.04 5.58
C ILE C 84 -11.90 -22.62 5.16
N ALA C 85 -11.34 -22.13 4.05
CA ALA C 85 -11.46 -20.72 3.70
C ALA C 85 -12.91 -20.32 3.45
N LEU C 86 -13.68 -21.18 2.79
CA LEU C 86 -15.04 -20.79 2.43
C LEU C 86 -15.94 -20.69 3.66
N GLU C 87 -15.81 -21.66 4.58
CA GLU C 87 -16.63 -21.62 5.80
C GLU C 87 -16.17 -20.53 6.75
N LEU C 88 -14.85 -20.31 6.85
CA LEU C 88 -14.34 -19.23 7.69
C LEU C 88 -14.78 -17.87 7.16
N LEU C 89 -14.94 -17.75 5.83
CA LEU C 89 -15.43 -16.49 5.27
C LEU C 89 -16.87 -16.25 5.69
N MET C 90 -17.70 -17.29 5.67
CA MET C 90 -19.08 -17.14 6.08
C MET C 90 -19.19 -16.85 7.57
N ALA C 91 -18.36 -17.50 8.37
CA ALA C 91 -18.39 -17.23 9.81
C ALA C 91 -17.98 -15.80 10.11
N ALA C 92 -16.94 -15.30 9.43
CA ALA C 92 -16.46 -13.95 9.69
C ALA C 92 -17.47 -12.90 9.25
N ASN C 93 -18.20 -13.16 8.16
CA ASN C 93 -19.23 -12.23 7.73
C ASN C 93 -20.34 -12.12 8.77
N PHE C 94 -20.69 -13.22 9.43
CA PHE C 94 -21.77 -13.22 10.42
C PHE C 94 -21.32 -12.57 11.72
N LEU C 95 -20.10 -12.88 12.16
CA LEU C 95 -19.56 -12.37 13.41
C LEU C 95 -19.08 -10.94 13.31
N ASP C 96 -18.84 -10.44 12.10
CA ASP C 96 -18.34 -9.09 11.89
C ASP C 96 -17.01 -8.88 12.64
N CYS C 97 -15.98 -9.52 12.11
CA CYS C 97 -14.62 -9.36 12.64
C CYS C 97 -13.57 -9.64 11.58
N MET D 21 15.42 32.32 -47.49
CA MET D 21 14.56 31.53 -46.64
C MET D 21 15.06 31.51 -45.20
N SER D 22 16.35 31.83 -45.01
CA SER D 22 16.95 31.77 -43.68
C SER D 22 16.20 32.66 -42.69
N GLN D 23 15.94 33.90 -43.06
CA GLN D 23 15.26 34.85 -42.18
C GLN D 23 13.74 34.75 -42.26
N SER D 24 13.22 33.75 -42.97
CA SER D 24 11.82 33.37 -42.81
C SER D 24 11.58 32.72 -41.45
N ASN D 25 12.61 32.14 -40.86
CA ASN D 25 12.51 31.62 -39.50
C ASN D 25 12.45 32.76 -38.48
N ARG D 26 13.20 33.84 -38.73
CA ARG D 26 13.15 35.01 -37.86
C ARG D 26 11.73 35.56 -37.77
N GLU D 27 11.00 35.53 -38.89
CA GLU D 27 9.64 36.05 -38.90
C GLU D 27 8.73 35.26 -37.97
N LEU D 28 8.94 33.93 -37.89
CA LEU D 28 8.16 33.11 -36.96
C LEU D 28 8.45 33.48 -35.52
N VAL D 29 9.74 33.62 -35.18
CA VAL D 29 10.13 33.99 -33.82
C VAL D 29 9.47 35.29 -33.41
N VAL D 30 9.57 36.32 -34.24
CA VAL D 30 8.96 37.60 -33.91
C VAL D 30 7.44 37.46 -33.82
N ASP D 31 6.85 36.65 -34.70
CA ASP D 31 5.40 36.50 -34.68
C ASP D 31 4.94 35.80 -33.41
N PHE D 32 5.61 34.72 -33.03
CA PHE D 32 5.20 33.99 -31.85
C PHE D 32 5.41 34.82 -30.58
N LEU D 33 6.51 35.58 -30.52
CA LEU D 33 6.77 36.40 -29.33
C LEU D 33 5.78 37.55 -29.22
N SER D 34 5.42 38.19 -30.35
CA SER D 34 4.37 39.20 -30.31
C SER D 34 3.06 38.61 -29.84
N TYR D 35 2.78 37.36 -30.21
CA TYR D 35 1.51 36.72 -29.86
C TYR D 35 1.42 36.46 -28.36
N LYS D 36 2.49 35.91 -27.76
CA LYS D 36 2.47 35.64 -26.33
C LYS D 36 2.59 36.92 -25.51
N LEU D 37 3.17 37.98 -26.09
CA LEU D 37 3.23 39.24 -25.39
C LEU D 37 1.87 39.92 -25.36
N SER D 38 1.13 39.87 -26.48
CA SER D 38 -0.18 40.50 -26.53
C SER D 38 -1.22 39.74 -25.71
N GLN D 39 -0.95 38.48 -25.35
CA GLN D 39 -1.83 37.78 -24.42
C GLN D 39 -1.67 38.32 -23.00
N LYS D 40 -0.52 38.89 -22.67
CA LYS D 40 -0.27 39.45 -21.35
C LYS D 40 -0.48 40.96 -21.29
N GLY D 41 -0.69 41.60 -22.44
CA GLY D 41 -0.97 43.03 -22.49
C GLY D 41 0.14 43.88 -23.07
N TYR D 42 1.24 43.27 -23.51
CA TYR D 42 2.40 44.00 -24.01
C TYR D 42 2.48 43.90 -25.52
N SER D 43 2.97 44.97 -26.14
CA SER D 43 3.16 45.00 -27.58
C SER D 43 4.62 44.72 -27.93
N TRP D 44 4.83 44.01 -29.05
CA TRP D 44 6.18 43.82 -29.55
C TRP D 44 6.82 45.13 -29.99
N SER D 45 5.99 46.11 -30.39
CA SER D 45 6.52 47.39 -30.87
C SER D 45 7.21 48.17 -29.76
N GLN D 46 6.86 47.92 -28.49
CA GLN D 46 7.47 48.65 -27.38
C GLN D 46 8.90 48.20 -27.10
N PHE D 47 9.38 47.11 -27.71
CA PHE D 47 10.67 46.53 -27.37
C PHE D 47 11.64 46.37 -28.54
N SER D 48 11.18 46.44 -29.79
CA SER D 48 12.07 46.26 -30.93
C SER D 48 11.42 46.89 -32.16
N ASP D 49 12.08 46.71 -33.31
CA ASP D 49 11.66 47.25 -34.61
C ASP D 49 11.42 48.76 -34.55
N PRO D 102 1.58 28.47 -47.32
CA PRO D 102 1.33 29.87 -46.94
C PRO D 102 2.05 30.25 -45.65
N MET D 103 2.64 31.45 -45.61
CA MET D 103 3.42 31.84 -44.43
C MET D 103 2.52 32.18 -43.25
N ALA D 104 1.36 32.79 -43.50
CA ALA D 104 0.42 33.03 -42.42
C ALA D 104 -0.12 31.73 -41.84
N ALA D 105 -0.15 30.65 -42.63
CA ALA D 105 -0.69 29.39 -42.14
C ALA D 105 0.22 28.78 -41.07
N VAL D 106 1.53 28.84 -41.27
CA VAL D 106 2.45 28.26 -40.30
C VAL D 106 2.52 29.11 -39.03
N LYS D 107 2.36 30.43 -39.15
CA LYS D 107 2.31 31.26 -37.97
C LYS D 107 1.08 30.93 -37.13
N GLN D 108 -0.10 30.84 -37.77
CA GLN D 108 -1.31 30.51 -37.03
C GLN D 108 -1.24 29.10 -36.45
N ALA D 109 -0.64 28.16 -37.20
CA ALA D 109 -0.50 26.81 -36.70
C ALA D 109 0.45 26.75 -35.51
N LEU D 110 1.56 27.47 -35.58
CA LEU D 110 2.49 27.54 -34.46
C LEU D 110 1.92 28.35 -33.31
N ARG D 111 1.07 29.34 -33.60
CA ARG D 111 0.39 30.06 -32.53
C ARG D 111 -0.51 29.13 -31.74
N GLU D 112 -1.37 28.37 -32.42
CA GLU D 112 -2.32 27.52 -31.72
C GLU D 112 -1.63 26.37 -31.02
N ALA D 113 -0.52 25.89 -31.57
CA ALA D 113 0.22 24.78 -30.98
C ALA D 113 0.91 25.20 -29.68
N GLY D 114 1.44 26.43 -29.64
CA GLY D 114 2.04 26.91 -28.42
C GLY D 114 1.03 27.07 -27.30
N ASP D 115 -0.18 27.52 -27.63
CA ASP D 115 -1.23 27.64 -26.63
C ASP D 115 -1.67 26.27 -26.13
N GLU D 116 -1.78 25.30 -27.04
CA GLU D 116 -2.19 23.97 -26.63
C GLU D 116 -1.12 23.30 -25.77
N PHE D 117 0.14 23.44 -26.16
CA PHE D 117 1.23 22.96 -25.30
C PHE D 117 1.20 23.64 -23.93
N GLU D 118 0.91 24.94 -23.91
CA GLU D 118 0.84 25.66 -22.64
C GLU D 118 -0.29 25.12 -21.76
N LEU D 119 -1.36 24.64 -22.37
CA LEU D 119 -2.48 24.10 -21.60
C LEU D 119 -2.22 22.67 -21.16
N ARG D 120 -1.57 21.87 -22.01
CA ARG D 120 -1.36 20.45 -21.69
C ARG D 120 -0.22 20.24 -20.71
N TYR D 121 0.76 21.15 -20.66
CA TYR D 121 1.94 21.00 -19.80
C TYR D 121 2.12 22.26 -18.95
N ARG D 122 1.08 22.60 -18.17
CA ARG D 122 1.15 23.76 -17.29
C ARG D 122 2.21 23.60 -16.21
N ARG D 123 2.45 22.37 -15.74
CA ARG D 123 3.44 22.17 -14.69
C ARG D 123 4.85 22.49 -15.16
N ALA D 124 5.14 22.26 -16.45
CA ALA D 124 6.46 22.61 -16.97
C ALA D 124 6.72 24.11 -16.88
N PHE D 125 5.67 24.92 -17.04
CA PHE D 125 5.80 26.36 -16.86
C PHE D 125 6.02 26.71 -15.39
N SER D 126 5.25 26.10 -14.49
CA SER D 126 5.42 26.33 -13.07
C SER D 126 6.80 25.90 -12.59
N ASP D 127 7.22 24.70 -13.00
CA ASP D 127 8.52 24.18 -12.56
C ASP D 127 9.67 25.05 -13.06
N LEU D 128 9.57 25.54 -14.29
CA LEU D 128 10.64 26.38 -14.81
C LEU D 128 10.64 27.75 -14.17
N THR D 129 9.45 28.30 -13.84
CA THR D 129 9.38 29.60 -13.19
C THR D 129 10.10 29.58 -11.85
N SER D 130 9.92 28.51 -11.08
CA SER D 130 10.48 28.40 -9.74
C SER D 130 11.93 27.97 -9.72
N GLN D 131 12.53 27.67 -10.89
CA GLN D 131 13.91 27.19 -10.94
C GLN D 131 14.89 28.16 -11.58
N LEU D 132 14.42 29.14 -12.34
CA LEU D 132 15.29 30.04 -13.10
C LEU D 132 15.37 31.39 -12.39
N HIS D 133 16.48 31.63 -11.70
CA HIS D 133 16.79 32.97 -11.26
C HIS D 133 17.15 33.81 -12.49
N ILE D 134 16.15 34.42 -13.11
CA ILE D 134 16.33 35.12 -14.37
C ILE D 134 16.91 36.51 -14.12
N THR D 135 18.00 36.83 -14.83
CA THR D 135 18.80 38.04 -14.67
C THR D 135 19.35 38.42 -16.05
N PRO D 136 19.40 39.70 -16.40
CA PRO D 136 19.91 40.07 -17.74
C PRO D 136 21.34 39.61 -18.00
N GLY D 137 22.21 39.61 -16.98
CA GLY D 137 23.56 39.11 -17.16
C GLY D 137 23.62 37.62 -17.40
N THR D 138 22.75 36.85 -16.74
CA THR D 138 22.78 35.40 -16.80
C THR D 138 21.62 34.81 -17.59
N ALA D 139 20.89 35.63 -18.36
CA ALA D 139 19.73 35.13 -19.07
C ALA D 139 20.13 34.23 -20.23
N TYR D 140 21.22 34.57 -20.91
CA TYR D 140 21.65 33.75 -22.03
C TYR D 140 22.15 32.39 -21.55
N GLN D 141 22.87 32.36 -20.42
CA GLN D 141 23.33 31.08 -19.88
C GLN D 141 22.14 30.21 -19.48
N SER D 142 21.07 30.82 -18.95
CA SER D 142 19.89 30.05 -18.60
C SER D 142 19.11 29.60 -19.82
N PHE D 143 19.10 30.40 -20.89
CA PHE D 143 18.37 30.02 -22.10
C PHE D 143 19.04 28.83 -22.77
N GLU D 144 20.37 28.84 -22.87
CA GLU D 144 21.05 27.75 -23.57
C GLU D 144 20.96 26.44 -22.82
N GLN D 145 21.00 26.47 -21.48
CA GLN D 145 20.84 25.24 -20.71
C GLN D 145 19.47 24.63 -20.94
N VAL D 146 18.41 25.44 -20.86
CA VAL D 146 17.06 24.93 -21.06
C VAL D 146 16.91 24.31 -22.44
N VAL D 147 17.33 25.05 -23.47
CA VAL D 147 17.15 24.59 -24.85
C VAL D 147 18.01 23.37 -25.14
N ASN D 148 19.20 23.28 -24.55
CA ASN D 148 20.07 22.14 -24.83
C ASN D 148 19.56 20.87 -24.18
N GLU D 149 18.97 20.97 -22.99
CA GLU D 149 18.36 19.79 -22.41
C GLU D 149 17.03 19.46 -23.07
N LEU D 150 16.39 20.45 -23.70
CA LEU D 150 15.11 20.18 -24.38
C LEU D 150 15.32 19.31 -25.61
N PHE D 151 16.43 19.47 -26.31
CA PHE D 151 16.73 18.69 -27.51
C PHE D 151 17.82 17.66 -27.27
N ARG D 152 17.96 17.17 -26.04
CA ARG D 152 19.02 16.23 -25.70
C ARG D 152 18.89 14.94 -26.51
N ASP D 153 17.67 14.38 -26.56
CA ASP D 153 17.40 13.14 -27.30
C ASP D 153 16.92 13.41 -28.71
N GLY D 154 17.43 14.45 -29.37
CA GLY D 154 17.01 14.78 -30.70
C GLY D 154 15.85 15.76 -30.69
N VAL D 155 15.41 16.14 -31.89
CA VAL D 155 14.35 17.12 -32.01
C VAL D 155 13.17 16.48 -32.72
N ASN D 156 11.96 16.92 -32.32
CA ASN D 156 10.72 16.56 -33.00
C ASN D 156 9.82 17.79 -32.97
N TRP D 157 8.69 17.71 -33.67
CA TRP D 157 7.83 18.88 -33.81
C TRP D 157 7.33 19.37 -32.45
N GLY D 158 6.92 18.45 -31.58
CA GLY D 158 6.42 18.84 -30.27
C GLY D 158 7.44 19.60 -29.45
N ARG D 159 8.70 19.17 -29.51
CA ARG D 159 9.74 19.89 -28.78
C ARG D 159 10.02 21.24 -29.42
N ILE D 160 9.82 21.36 -30.74
CA ILE D 160 10.08 22.64 -31.41
C ILE D 160 9.07 23.68 -30.96
N VAL D 161 7.80 23.30 -30.81
CA VAL D 161 6.82 24.24 -30.27
C VAL D 161 7.05 24.48 -28.79
N ALA D 162 7.64 23.53 -28.08
CA ALA D 162 8.07 23.80 -26.71
C ALA D 162 9.25 24.76 -26.68
N PHE D 163 10.12 24.68 -27.68
CA PHE D 163 11.18 25.69 -27.82
C PHE D 163 10.58 27.07 -28.05
N PHE D 164 9.54 27.18 -28.89
CA PHE D 164 8.89 28.47 -29.07
C PHE D 164 8.16 28.91 -27.81
N SER D 165 7.45 27.99 -27.16
CA SER D 165 6.72 28.33 -25.94
C SER D 165 7.65 28.76 -24.82
N PHE D 166 8.87 28.21 -24.78
CA PHE D 166 9.83 28.60 -23.76
C PHE D 166 10.29 30.05 -23.96
N GLY D 167 10.63 30.41 -25.21
CA GLY D 167 11.03 31.78 -25.48
C GLY D 167 9.91 32.77 -25.25
N GLY D 168 8.68 32.37 -25.57
CA GLY D 168 7.54 33.21 -25.23
C GLY D 168 7.39 33.41 -23.74
N ALA D 169 7.53 32.32 -22.96
CA ALA D 169 7.45 32.44 -21.51
C ALA D 169 8.61 33.25 -20.96
N LEU D 170 9.79 33.09 -21.54
CA LEU D 170 10.95 33.87 -21.13
C LEU D 170 10.73 35.36 -21.38
N CYS D 171 10.12 35.70 -22.51
CA CYS D 171 9.85 37.10 -22.82
C CYS D 171 8.82 37.69 -21.86
N VAL D 172 7.70 36.99 -21.68
CA VAL D 172 6.62 37.53 -20.87
C VAL D 172 7.07 37.71 -19.42
N GLU D 173 7.93 36.81 -18.93
CA GLU D 173 8.42 36.98 -17.57
C GLU D 173 9.45 38.09 -17.48
N SER D 174 10.21 38.31 -18.56
CA SER D 174 11.16 39.41 -18.57
C SER D 174 10.45 40.76 -18.49
N VAL D 175 9.27 40.87 -19.11
CA VAL D 175 8.49 42.10 -18.99
C VAL D 175 7.87 42.20 -17.60
N ASP D 176 7.44 41.06 -17.04
CA ASP D 176 6.84 41.07 -15.71
C ASP D 176 7.84 41.51 -14.66
N LYS D 177 9.08 41.03 -14.75
CA LYS D 177 10.14 41.39 -13.83
C LYS D 177 10.88 42.66 -14.23
N GLU D 178 10.29 43.45 -15.14
CA GLU D 178 10.87 44.71 -15.60
C GLU D 178 12.32 44.54 -16.04
N MET D 179 12.53 43.56 -16.93
CA MET D 179 13.78 43.34 -17.65
C MET D 179 13.50 43.28 -19.14
N GLN D 180 12.79 44.31 -19.64
CA GLN D 180 12.35 44.32 -21.04
C GLN D 180 13.51 44.36 -22.01
N VAL D 181 14.70 44.77 -21.55
CA VAL D 181 15.88 44.75 -22.39
C VAL D 181 16.14 43.37 -22.99
N LEU D 182 15.66 42.30 -22.35
CA LEU D 182 15.90 40.95 -22.84
C LEU D 182 14.91 40.50 -23.92
N VAL D 183 13.86 41.28 -24.19
CA VAL D 183 12.87 40.85 -25.17
C VAL D 183 13.49 40.75 -26.56
N SER D 184 14.31 41.74 -26.94
CA SER D 184 14.97 41.67 -28.23
C SER D 184 16.08 40.62 -28.22
N ARG D 185 16.82 40.50 -27.11
CA ARG D 185 17.88 39.52 -27.03
C ARG D 185 17.34 38.10 -27.21
N ILE D 186 16.25 37.78 -26.51
CA ILE D 186 15.64 36.45 -26.61
C ILE D 186 15.30 36.12 -28.05
N ALA D 187 14.68 37.07 -28.77
CA ALA D 187 14.30 36.81 -30.15
C ALA D 187 15.52 36.46 -30.99
N ALA D 188 16.67 37.06 -30.71
CA ALA D 188 17.88 36.74 -31.45
C ALA D 188 18.46 35.39 -31.01
N TRP D 189 18.38 35.07 -29.72
CA TRP D 189 18.81 33.75 -29.28
C TRP D 189 18.00 32.67 -29.98
N MET D 190 16.68 32.84 -30.04
CA MET D 190 15.82 31.85 -30.68
C MET D 190 16.09 31.76 -32.18
N ALA D 191 16.18 32.91 -32.85
CA ALA D 191 16.44 32.89 -34.29
C ALA D 191 17.79 32.24 -34.59
N THR D 192 18.79 32.47 -33.73
CA THR D 192 20.10 31.88 -33.98
C THR D 192 20.07 30.38 -33.80
N TYR D 193 19.52 29.91 -32.68
CA TYR D 193 19.40 28.47 -32.46
C TYR D 193 18.52 27.82 -33.51
N LEU D 194 17.49 28.52 -33.99
CA LEU D 194 16.59 27.95 -34.98
C LEU D 194 17.28 27.78 -36.32
N ASN D 195 18.16 28.71 -36.69
CA ASN D 195 18.86 28.59 -37.96
C ASN D 195 20.02 27.61 -37.87
N ASP D 196 20.73 27.58 -36.74
CA ASP D 196 21.93 26.75 -36.63
C ASP D 196 21.60 25.29 -36.36
N HIS D 197 20.75 25.03 -35.37
CA HIS D 197 20.58 23.68 -34.85
C HIS D 197 19.21 23.07 -35.11
N LEU D 198 18.30 23.77 -35.79
CA LEU D 198 16.97 23.21 -35.99
C LEU D 198 16.54 23.17 -37.46
N GLU D 199 17.03 24.12 -38.25
CA GLU D 199 16.66 24.14 -39.67
C GLU D 199 17.12 22.91 -40.43
N PRO D 200 18.28 22.30 -40.16
CA PRO D 200 18.60 21.04 -40.85
C PRO D 200 17.54 19.96 -40.66
N TRP D 201 17.04 19.79 -39.43
CA TRP D 201 16.01 18.79 -39.19
C TRP D 201 14.69 19.17 -39.84
N ILE D 202 14.33 20.46 -39.81
CA ILE D 202 13.02 20.88 -40.31
C ILE D 202 12.89 20.60 -41.81
N GLN D 203 13.92 20.96 -42.59
CA GLN D 203 13.83 20.73 -44.02
C GLN D 203 13.96 19.25 -44.35
N GLU D 204 14.67 18.48 -43.51
CA GLU D 204 14.75 17.04 -43.72
C GLU D 204 13.43 16.33 -43.42
N ASN D 205 12.54 16.97 -42.68
CA ASN D 205 11.23 16.43 -42.34
C ASN D 205 10.10 17.16 -43.06
N GLY D 206 10.37 17.63 -44.27
CA GLY D 206 9.33 18.21 -45.11
C GLY D 206 8.99 19.66 -44.88
N GLY D 207 9.82 20.38 -44.12
CA GLY D 207 9.56 21.80 -43.91
C GLY D 207 8.38 22.05 -43.00
N TRP D 208 8.06 23.33 -42.85
CA TRP D 208 6.97 23.74 -41.98
C TRP D 208 5.61 23.32 -42.52
N ASP D 209 5.49 23.08 -43.83
CA ASP D 209 4.21 22.58 -44.34
C ASP D 209 3.86 21.22 -43.75
N THR D 210 4.87 20.39 -43.48
CA THR D 210 4.62 19.12 -42.79
C THR D 210 4.10 19.35 -41.38
N PHE D 211 4.62 20.37 -40.70
CA PHE D 211 4.15 20.69 -39.37
C PHE D 211 2.69 21.12 -39.38
N VAL D 212 2.28 21.89 -40.39
CA VAL D 212 0.90 22.37 -40.41
C VAL D 212 -0.07 21.22 -40.68
N GLU D 213 0.28 20.31 -41.58
CA GLU D 213 -0.56 19.14 -41.84
C GLU D 213 -0.66 18.26 -40.60
N LEU D 214 0.46 18.02 -39.91
CA LEU D 214 0.44 17.20 -38.71
C LEU D 214 -0.43 17.82 -37.61
N TYR D 215 -0.46 19.15 -37.52
CA TYR D 215 -1.30 19.81 -36.54
C TYR D 215 -2.76 19.84 -36.94
N GLY D 216 -3.07 19.77 -38.24
CA GLY D 216 -4.45 19.67 -38.68
C GLY D 216 -4.82 18.32 -39.28
#